data_5FK1
#
_entry.id   5FK1
#
_cell.length_a   62.580
_cell.length_b   62.580
_cell.length_c   154.730
_cell.angle_alpha   90.00
_cell.angle_beta   90.00
_cell.angle_gamma   90.00
#
_symmetry.space_group_name_H-M   'P 43 21 2'
#
loop_
_entity.id
_entity.type
_entity.pdbx_description
1 polymer 'SAM-I RIBOSWITCH'
2 non-polymer S-ADENOSYLMETHIONINE
3 non-polymer 'BARIUM ION'
4 non-polymer 'SODIUM ION'
5 water water
#
_entity_poly.entity_id   1
_entity_poly.type   'polyribonucleotide'
_entity_poly.pdbx_seq_one_letter_code
;GGCUUAUCAAGAGAGGGGGAGCGACUGGCGCGAAGAUCCCCGGCAACCAGAAAUGGUGCCAAUUCCUGCAGCGGAAACGU
UGAAAGAUGAGCCG
;
_entity_poly.pdbx_strand_id   A
#